data_6JJW
#
_entry.id   6JJW
#
_cell.length_a   107.630
_cell.length_b   107.630
_cell.length_c   107.832
_cell.angle_alpha   90.00
_cell.angle_beta   90.00
_cell.angle_gamma   120.00
#
_symmetry.space_group_name_H-M   'H 3 2'
#
loop_
_entity.id
_entity.type
_entity.pdbx_description
1 polymer 'Protein KIBRA'
2 polymer 'Peptide from Tyrosine-protein phosphatase non-receptor type 14'
3 non-polymer 'CHLORIDE ION'
4 non-polymer 'FORMIC ACID'
5 non-polymer GLYCEROL
6 non-polymer 'MAGNESIUM ION'
7 water water
#
loop_
_entity_poly.entity_id
_entity_poly.type
_entity_poly.pdbx_seq_one_letter_code
_entity_poly.pdbx_strand_id
1 'polypeptide(L)'
;GPGSEFELPLPEGWEEARDFDGKVYYIDHRNRTTSWIDPRDRYTKPLTFADCISDELPLGWEEAYDPQVGDYFIDHNTKT
TQIEDPRVQWRREQEHMLKDYLVVAQEALSAQKEIYQVKQQRLELAQQEYQQLH
;
A
2 'polypeptide(L)' GPGSSHRHSAIIVPSYRPTPDYETVMRQMKRG U
#
# COMPACT_ATOMS: atom_id res chain seq x y z
N LEU A 8 -0.65 -3.49 -19.24
CA LEU A 8 0.64 -3.97 -18.75
C LEU A 8 0.48 -5.02 -17.66
N PRO A 9 1.17 -6.15 -17.81
CA PRO A 9 1.30 -7.20 -16.79
C PRO A 9 2.48 -6.88 -15.86
N LEU A 10 2.72 -7.74 -14.88
CA LEU A 10 3.87 -7.54 -14.00
C LEU A 10 5.19 -7.59 -14.78
N PRO A 11 6.12 -6.68 -14.45
CA PRO A 11 7.43 -6.77 -15.08
C PRO A 11 8.09 -8.10 -14.72
N GLU A 12 8.98 -8.61 -15.57
CA GLU A 12 9.69 -9.87 -15.31
C GLU A 12 10.37 -9.89 -13.95
N GLY A 13 10.30 -11.04 -13.27
CA GLY A 13 10.94 -11.19 -11.97
C GLY A 13 10.00 -10.86 -10.81
N TRP A 14 8.85 -10.24 -11.09
CA TRP A 14 7.89 -9.90 -10.05
C TRP A 14 6.73 -10.90 -9.93
N GLU A 15 6.44 -11.30 -8.70
CA GLU A 15 5.35 -12.23 -8.45
C GLU A 15 4.38 -11.68 -7.41
N GLU A 16 3.08 -11.80 -7.69
CA GLU A 16 2.06 -11.41 -6.72
C GLU A 16 1.93 -12.49 -5.66
N ALA A 17 1.67 -12.08 -4.41
CA ALA A 17 1.46 -13.03 -3.32
C ALA A 17 0.47 -12.49 -2.28
N ARG A 18 0.18 -13.31 -1.27
CA ARG A 18 -0.78 -12.95 -0.23
C ARG A 18 -0.16 -13.17 1.14
N ASP A 19 -0.32 -12.19 2.03
CA ASP A 19 0.16 -12.30 3.39
C ASP A 19 -0.77 -13.22 4.20
N PHE A 20 -0.42 -13.48 5.46
CA PHE A 20 -1.10 -14.47 6.29
C PHE A 20 -2.62 -14.28 6.37
N ASP A 21 -3.07 -13.04 6.16
CA ASP A 21 -4.48 -12.71 6.22
C ASP A 21 -5.01 -12.35 4.83
N GLY A 22 -4.29 -12.79 3.81
CA GLY A 22 -4.69 -12.57 2.44
C GLY A 22 -4.33 -11.20 1.87
N LYS A 23 -3.62 -10.38 2.62
CA LYS A 23 -3.29 -9.05 2.09
C LYS A 23 -2.28 -9.18 0.96
N VAL A 24 -2.53 -8.49 -0.14
CA VAL A 24 -1.72 -8.64 -1.33
C VAL A 24 -0.41 -7.85 -1.22
N TYR A 25 0.69 -8.50 -1.59
CA TYR A 25 1.96 -7.81 -1.77
C TYR A 25 2.68 -8.34 -3.00
N TYR A 26 3.89 -7.84 -3.22
CA TYR A 26 4.64 -8.18 -4.42
C TYR A 26 6.06 -8.61 -4.09
N ILE A 27 6.48 -9.67 -4.77
CA ILE A 27 7.82 -10.21 -4.61
C ILE A 27 8.67 -9.90 -5.84
N ASP A 28 9.81 -9.25 -5.61
CA ASP A 28 10.80 -9.04 -6.65
C ASP A 28 11.91 -10.10 -6.51
N HIS A 29 11.87 -11.13 -7.35
CA HIS A 29 12.86 -12.20 -7.27
C HIS A 29 14.24 -11.78 -7.76
N ARG A 30 14.28 -10.82 -8.69
CA ARG A 30 15.56 -10.35 -9.19
C ARG A 30 16.35 -9.57 -8.14
N ASN A 31 15.66 -8.91 -7.21
CA ASN A 31 16.36 -8.14 -6.16
C ASN A 31 16.15 -8.69 -4.75
N ARG A 32 15.40 -9.79 -4.65
CA ARG A 32 15.24 -10.51 -3.38
C ARG A 32 14.63 -9.60 -2.32
N THR A 33 13.54 -8.95 -2.71
CA THR A 33 12.85 -8.04 -1.80
C THR A 33 11.35 -8.12 -2.02
N THR A 34 10.58 -7.58 -1.07
CA THR A 34 9.13 -7.57 -1.18
C THR A 34 8.59 -6.13 -1.05
N SER A 35 7.41 -5.88 -1.60
CA SER A 35 6.80 -4.55 -1.52
C SER A 35 5.27 -4.64 -1.49
N TRP A 36 4.64 -3.74 -0.74
CA TRP A 36 3.18 -3.62 -0.72
C TRP A 36 2.68 -3.00 -2.01
N ILE A 37 3.52 -2.18 -2.64
CA ILE A 37 3.13 -1.43 -3.83
C ILE A 37 3.38 -2.21 -5.11
N ASP A 38 2.35 -2.29 -5.96
CA ASP A 38 2.49 -2.88 -7.28
C ASP A 38 3.45 -2.02 -8.11
N PRO A 39 4.50 -2.64 -8.67
CA PRO A 39 5.45 -1.81 -9.44
C PRO A 39 4.77 -1.02 -10.59
N ARG A 40 3.68 -1.56 -11.13
CA ARG A 40 2.97 -0.87 -12.21
C ARG A 40 2.29 0.44 -11.75
N ASP A 41 2.08 0.56 -10.44
CA ASP A 41 1.57 1.80 -9.85
C ASP A 41 2.51 2.97 -10.13
N ARG A 42 3.79 2.67 -10.31
CA ARG A 42 4.79 3.69 -10.56
C ARG A 42 4.63 4.33 -11.93
N TYR A 43 3.73 3.74 -12.72
CA TYR A 43 3.30 4.33 -13.98
C TYR A 43 1.86 4.85 -13.91
N THR A 44 1.00 4.08 -13.25
CA THR A 44 -0.44 4.32 -13.38
C THR A 44 -1.02 5.25 -12.33
N LYS A 45 -0.45 5.24 -11.13
CA LYS A 45 -1.02 6.02 -10.03
C LYS A 45 -0.75 7.51 -10.21
N PRO A 46 -1.74 8.34 -9.84
CA PRO A 46 -1.53 9.79 -9.81
C PRO A 46 -0.46 10.14 -8.78
N LEU A 47 0.31 11.20 -9.04
CA LEU A 47 1.51 11.44 -8.24
C LEU A 47 1.22 12.06 -6.89
N THR A 48 0.25 12.97 -6.85
CA THR A 48 -0.10 13.62 -5.59
C THR A 48 -1.61 13.70 -5.44
N PHE A 49 -2.05 14.25 -4.32
CA PHE A 49 -3.48 14.41 -4.08
C PHE A 49 -4.09 15.42 -5.04
N ALA A 50 -3.27 16.33 -5.55
CA ALA A 50 -3.70 17.28 -6.58
C ALA A 50 -4.02 16.58 -7.89
N ASP A 51 -3.25 15.54 -8.21
CA ASP A 51 -3.46 14.73 -9.40
C ASP A 51 -4.68 13.79 -9.32
N CYS A 52 -5.21 13.60 -8.12
CA CYS A 52 -6.29 12.65 -7.93
C CYS A 52 -7.66 13.20 -8.37
N ILE A 53 -8.46 12.37 -9.02
CA ILE A 53 -9.87 12.67 -9.25
C ILE A 53 -10.72 11.65 -8.48
N SER A 54 -11.98 11.98 -8.24
CA SER A 54 -12.90 11.05 -7.59
C SER A 54 -12.34 10.55 -6.23
N ASP A 55 -12.29 9.23 -6.06
CA ASP A 55 -11.91 8.66 -4.76
C ASP A 55 -10.52 8.05 -4.78
N GLU A 56 -9.75 8.36 -5.81
CA GLU A 56 -8.49 7.66 -5.99
C GLU A 56 -7.43 8.13 -5.00
N LEU A 57 -6.41 7.31 -4.81
CA LEU A 57 -5.33 7.62 -3.89
C LEU A 57 -4.01 7.73 -4.64
N PRO A 58 -3.16 8.68 -4.23
CA PRO A 58 -1.88 8.85 -4.92
C PRO A 58 -0.94 7.68 -4.65
N LEU A 59 0.18 7.68 -5.38
CA LEU A 59 1.21 6.65 -5.26
C LEU A 59 1.64 6.42 -3.82
N GLY A 60 1.49 5.18 -3.35
CA GLY A 60 2.00 4.79 -2.03
C GLY A 60 0.95 4.77 -0.94
N TRP A 61 -0.26 5.21 -1.26
CA TRP A 61 -1.33 5.18 -0.26
C TRP A 61 -2.27 4.02 -0.50
N GLU A 62 -2.69 3.41 0.59
CA GLU A 62 -3.59 2.28 0.54
C GLU A 62 -4.70 2.52 1.56
N GLU A 63 -5.93 2.20 1.20
CA GLU A 63 -6.99 2.15 2.19
C GLU A 63 -7.10 0.70 2.65
N ALA A 64 -7.25 0.52 3.97
CA ALA A 64 -7.48 -0.81 4.51
C ALA A 64 -8.64 -0.82 5.52
N TYR A 65 -9.09 -2.02 5.87
CA TYR A 65 -10.17 -2.17 6.84
C TYR A 65 -9.73 -2.88 8.13
N ASP A 66 -10.16 -2.34 9.26
CA ASP A 66 -9.94 -2.96 10.54
C ASP A 66 -11.26 -3.12 11.25
N PRO A 67 -11.59 -4.36 11.68
CA PRO A 67 -12.84 -4.73 12.34
C PRO A 67 -13.20 -3.89 13.55
N GLN A 68 -12.21 -3.25 14.14
CA GLN A 68 -12.47 -2.55 15.39
C GLN A 68 -12.62 -1.06 15.17
N VAL A 69 -11.98 -0.58 14.11
CA VAL A 69 -11.88 0.86 13.88
C VAL A 69 -12.54 1.24 12.55
N GLY A 70 -12.68 0.28 11.65
CA GLY A 70 -13.27 0.55 10.35
C GLY A 70 -12.21 0.77 9.30
N ASP A 71 -12.53 1.57 8.29
CA ASP A 71 -11.53 1.88 7.28
C ASP A 71 -10.47 2.82 7.86
N TYR A 72 -9.24 2.63 7.43
CA TYR A 72 -8.19 3.57 7.77
C TYR A 72 -7.22 3.63 6.60
N PHE A 73 -6.16 4.40 6.75
CA PHE A 73 -5.27 4.67 5.63
C PHE A 73 -3.81 4.36 5.94
N ILE A 74 -3.15 3.82 4.94
CA ILE A 74 -1.75 3.46 5.04
C ILE A 74 -0.93 4.29 4.06
N ASP A 75 0.07 4.99 4.58
CA ASP A 75 1.00 5.74 3.75
C ASP A 75 2.31 4.95 3.66
N HIS A 76 2.50 4.22 2.56
CA HIS A 76 3.72 3.44 2.41
C HIS A 76 4.90 4.34 2.16
N ASN A 77 4.64 5.58 1.76
CA ASN A 77 5.73 6.53 1.56
C ASN A 77 6.47 6.82 2.86
N THR A 78 5.74 6.82 3.98
CA THR A 78 6.30 7.24 5.27
C THR A 78 6.16 6.14 6.30
N LYS A 79 5.63 4.99 5.88
CA LYS A 79 5.43 3.85 6.77
C LYS A 79 4.58 4.22 7.99
N THR A 80 3.46 4.89 7.75
CA THR A 80 2.56 5.27 8.84
C THR A 80 1.14 4.88 8.51
N THR A 81 0.29 4.94 9.52
CA THR A 81 -1.11 4.72 9.32
C THR A 81 -1.88 5.87 9.96
N GLN A 82 -3.08 6.15 9.47
CA GLN A 82 -3.90 7.19 10.07
C GLN A 82 -5.36 6.92 9.81
N ILE A 83 -6.21 7.43 10.67
CA ILE A 83 -7.64 7.24 10.54
C ILE A 83 -8.24 8.34 9.65
N GLU A 84 -7.65 9.53 9.68
CA GLU A 84 -8.14 10.65 8.87
C GLU A 84 -8.05 10.37 7.38
N ASP A 85 -9.06 10.80 6.63
CA ASP A 85 -9.05 10.60 5.18
C ASP A 85 -8.21 11.68 4.55
N PRO A 86 -7.07 11.29 3.96
CA PRO A 86 -6.12 12.24 3.37
C PRO A 86 -6.68 12.95 2.15
N ARG A 87 -7.62 12.31 1.43
CA ARG A 87 -8.24 12.95 0.28
C ARG A 87 -9.09 14.12 0.78
N VAL A 88 -9.68 13.93 1.95
CA VAL A 88 -10.55 14.93 2.55
C VAL A 88 -9.74 16.02 3.25
N GLN A 89 -8.65 15.63 3.93
CA GLN A 89 -7.70 16.59 4.49
C GLN A 89 -7.28 17.56 3.39
N TRP A 90 -6.84 16.98 2.28
CA TRP A 90 -6.34 17.77 1.16
C TRP A 90 -7.40 18.70 0.57
N ARG A 91 -8.67 18.28 0.60
CA ARG A 91 -9.76 19.15 0.14
C ARG A 91 -9.91 20.35 1.07
N ARG A 92 -10.06 20.08 2.36
CA ARG A 92 -10.24 21.15 3.36
C ARG A 92 -9.02 22.09 3.41
N GLU A 93 -7.85 21.60 3.00
CA GLU A 93 -6.64 22.42 2.96
C GLU A 93 -6.62 23.38 1.78
N GLN A 94 -7.08 22.90 0.63
CA GLN A 94 -7.07 23.73 -0.57
C GLN A 94 -8.32 24.59 -0.67
N GLU A 95 -9.29 24.34 0.20
CA GLU A 95 -10.44 25.24 0.33
C GLU A 95 -9.97 26.50 1.03
N HIS A 96 -9.02 26.33 1.95
CA HIS A 96 -8.43 27.45 2.69
C HIS A 96 -7.25 28.04 1.92
N ILE B 11 -10.80 1.11 19.93
CA ILE B 11 -9.36 1.28 20.09
C ILE B 11 -8.82 2.39 19.18
N ILE B 12 -7.58 2.24 18.75
CA ILE B 12 -7.01 3.19 17.80
C ILE B 12 -6.40 2.45 16.58
N VAL B 13 -6.03 3.21 15.56
CA VAL B 13 -5.65 2.65 14.26
C VAL B 13 -4.51 1.63 14.36
N PRO B 14 -4.63 0.51 13.64
CA PRO B 14 -3.54 -0.46 13.51
C PRO B 14 -2.22 0.19 13.14
N SER B 15 -1.13 -0.30 13.70
CA SER B 15 0.19 0.21 13.37
C SER B 15 0.62 -0.31 12.00
N TYR B 16 1.61 0.35 11.42
CA TYR B 16 2.13 -0.01 10.10
C TYR B 16 2.62 -1.48 10.11
N ARG B 17 2.28 -2.22 9.05
CA ARG B 17 2.74 -3.61 8.91
C ARG B 17 3.82 -3.72 7.84
N PRO B 18 5.03 -4.13 8.24
CA PRO B 18 6.10 -4.38 7.28
C PRO B 18 5.76 -5.53 6.33
N THR B 19 6.27 -5.46 5.10
CA THR B 19 6.13 -6.54 4.12
C THR B 19 6.75 -7.82 4.68
N PRO B 20 6.34 -8.99 4.18
CA PRO B 20 7.07 -10.13 4.74
C PRO B 20 8.50 -10.19 4.21
N ASP B 21 9.41 -10.70 5.03
CA ASP B 21 10.80 -10.86 4.63
C ASP B 21 10.96 -11.83 3.44
N TYR B 22 11.74 -11.41 2.45
CA TYR B 22 11.94 -12.20 1.24
C TYR B 22 12.42 -13.62 1.53
N GLU B 23 13.50 -13.75 2.30
CA GLU B 23 14.09 -15.07 2.52
C GLU B 23 13.14 -15.93 3.33
N THR B 24 12.51 -15.32 4.33
CA THR B 24 11.51 -16.02 5.12
C THR B 24 10.39 -16.56 4.24
N VAL B 25 9.95 -15.77 3.27
CA VAL B 25 8.89 -16.21 2.36
C VAL B 25 9.36 -17.38 1.49
N MET B 26 10.60 -17.29 1.00
CA MET B 26 11.14 -18.35 0.14
C MET B 26 11.32 -19.65 0.94
N ARG B 27 11.66 -19.53 2.21
CA ARG B 27 11.86 -20.71 3.06
C ARG B 27 10.54 -21.36 3.49
N GLN B 28 9.47 -20.58 3.57
CA GLN B 28 8.23 -21.09 4.15
C GLN B 28 7.38 -21.87 3.15
N MET B 29 7.72 -21.76 1.87
CA MET B 29 7.13 -22.63 0.85
C MET B 29 7.50 -24.08 1.13
N LYS B 30 8.47 -24.26 2.04
CA LYS B 30 9.02 -25.55 2.49
C LYS B 30 10.00 -26.11 1.46
#